data_5Y6F
#
_entry.id   5Y6F
#
_cell.length_a   93.980
_cell.length_b   93.980
_cell.length_c   109.640
_cell.angle_alpha   90.00
_cell.angle_beta   90.00
_cell.angle_gamma   120.00
#
_symmetry.space_group_name_H-M   'H 3'
#
loop_
_entity.id
_entity.type
_entity.pdbx_description
1 polymer 'Flagellar brake protein YcgR'
2 non-polymer 'SULFATE ION'
3 non-polymer "9,9'-[(2R,3R,3aS,5S,7aR,9R,10R,10aS,12S,14aR)-3,5,10,12-tetrahydroxy-5,12-dioxidooctahydro-2H,7H-difuro[3,2-d:3',2'-j][1,3,7,9,2,8]tetraoxadiphosphacyclododecine-2,9-diyl]bis(2-amino-1,9-dihydro-6H-purin-6-one)"
4 water water
#
_entity_poly.entity_id   1
_entity_poly.type   'polypeptide(L)'
_entity_poly.pdbx_seq_one_letter_code
;MSHYHEQFLKQNPLAVLGVLRDLHKAAIPLRLSWNGGQLISKLLAITPDKLVLDFGSQAEDNIAVLKAQHITITAETQGA
KVEFTVEQLQQSEYLQLPAFITVPPPTLWFVQRRRYFRISAPLHPPYFCQTKLADNSTLRFRLYDLSLGGMGALLETAKP
AELQEGMRFAQIEVNMGQWGVFHFDAQLISISERKVIDGKNETITTPRLSFRFLNVSPTVERQLQRIIFSLEREAREKAD
KVRDKLAAALEHHHHHH
;
_entity_poly.pdbx_strand_id   A
#
loop_
_chem_comp.id
_chem_comp.type
_chem_comp.name
_chem_comp.formula
C2E non-polymer 9,9'-[(2R,3R,3aS,5S,7aR,9R,10R,10aS,12S,14aR)-3,5,10,12-tetrahydroxy-5,12-dioxidooctahydro-2H,7H-difuro[3,2-d:3',2'-j][1,3,7,9,2,8]tetraoxadiphosphacyclododecine-2,9-diyl]bis(2-amino-1,9-dihydro-6H-purin-6-one) 'C20 H24 N10 O14 P2'
SO4 non-polymer 'SULFATE ION' 'O4 S -2'
#
# COMPACT_ATOMS: atom_id res chain seq x y z
N SER A 2 -10.08 6.54 -10.60
CA SER A 2 -8.86 7.27 -10.95
C SER A 2 -8.18 6.72 -12.19
N HIS A 3 -7.06 7.36 -12.57
CA HIS A 3 -6.32 7.00 -13.77
C HIS A 3 -4.88 6.80 -13.40
N TYR A 4 -4.26 5.88 -14.12
CA TYR A 4 -2.87 5.51 -14.04
C TYR A 4 -2.38 5.37 -15.47
N HIS A 5 -1.10 5.09 -15.63
CA HIS A 5 -0.58 4.83 -16.95
C HIS A 5 -1.49 3.83 -17.66
N GLU A 6 -1.89 4.15 -18.89
CA GLU A 6 -2.75 3.24 -19.65
C GLU A 6 -2.17 1.82 -19.75
N GLN A 7 -0.85 1.64 -19.57
CA GLN A 7 -0.29 0.29 -19.66
C GLN A 7 -0.80 -0.58 -18.53
N PHE A 8 -1.33 0.02 -17.48
CA PHE A 8 -1.80 -0.74 -16.33
C PHE A 8 -3.25 -1.20 -16.43
N LEU A 9 -3.99 -0.80 -17.47
CA LEU A 9 -5.43 -1.04 -17.56
C LEU A 9 -5.66 -2.41 -18.21
N LYS A 10 -6.31 -3.31 -17.49
CA LYS A 10 -6.64 -4.63 -18.05
C LYS A 10 -8.05 -4.61 -18.62
N GLN A 11 -8.24 -5.08 -19.84
CA GLN A 11 -9.56 -5.05 -20.52
C GLN A 11 -9.98 -6.40 -21.08
N ASN A 12 -9.05 -7.28 -21.36
CA ASN A 12 -9.43 -8.61 -21.80
C ASN A 12 -10.21 -9.29 -20.67
N PRO A 13 -11.40 -9.84 -20.93
CA PRO A 13 -12.17 -10.43 -19.81
C PRO A 13 -11.38 -11.46 -19.02
N LEU A 14 -10.55 -12.25 -19.71
CA LEU A 14 -9.71 -13.22 -19.02
C LEU A 14 -8.64 -12.52 -18.21
N ALA A 15 -8.10 -11.42 -18.73
CA ALA A 15 -7.17 -10.60 -17.98
C ALA A 15 -7.79 -10.11 -16.67
N VAL A 16 -8.93 -9.42 -16.78
CA VAL A 16 -9.62 -8.94 -15.58
C VAL A 16 -9.91 -10.09 -14.64
N LEU A 17 -10.30 -11.24 -15.18
CA LEU A 17 -10.69 -12.39 -14.38
C LEU A 17 -9.49 -13.01 -13.67
N GLY A 18 -8.39 -13.21 -14.40
CA GLY A 18 -7.16 -13.66 -13.78
C GLY A 18 -6.82 -12.86 -12.52
N VAL A 19 -6.80 -11.53 -12.62
CA VAL A 19 -6.44 -10.71 -11.46
C VAL A 19 -7.40 -10.97 -10.31
N LEU A 20 -8.69 -11.06 -10.62
CA LEU A 20 -9.70 -11.27 -9.59
C LEU A 20 -9.56 -12.65 -8.95
N ARG A 21 -9.40 -13.69 -9.77
CA ARG A 21 -9.21 -15.02 -9.20
C ARG A 21 -8.00 -15.07 -8.27
N ASP A 22 -6.95 -14.31 -8.57
CA ASP A 22 -5.76 -14.24 -7.72
C ASP A 22 -6.06 -13.53 -6.39
N LEU A 23 -6.82 -12.43 -6.42
CA LEU A 23 -7.25 -11.79 -5.16
C LEU A 23 -8.02 -12.77 -4.28
N HIS A 24 -8.92 -13.53 -4.88
CA HIS A 24 -9.69 -14.53 -4.14
C HIS A 24 -8.78 -15.61 -3.57
N LYS A 25 -7.98 -16.25 -4.42
CA LYS A 25 -7.20 -17.41 -3.95
C LYS A 25 -6.28 -17.02 -2.81
N ALA A 26 -5.75 -15.80 -2.82
CA ALA A 26 -4.89 -15.23 -1.79
C ALA A 26 -5.66 -14.58 -0.64
N ALA A 27 -6.99 -14.50 -0.71
CA ALA A 27 -7.74 -13.86 0.38
C ALA A 27 -7.25 -12.42 0.64
N ILE A 28 -6.97 -11.66 -0.41
CA ILE A 28 -6.56 -10.27 -0.26
C ILE A 28 -7.74 -9.43 0.20
N PRO A 29 -7.61 -8.68 1.30
CA PRO A 29 -8.66 -7.76 1.71
C PRO A 29 -8.99 -6.75 0.62
N LEU A 30 -10.26 -6.43 0.49
CA LEU A 30 -10.73 -5.44 -0.46
C LEU A 30 -11.21 -4.21 0.32
N ARG A 31 -10.89 -3.03 -0.15
CA ARG A 31 -11.40 -1.82 0.47
C ARG A 31 -12.44 -1.27 -0.48
N LEU A 32 -13.71 -1.30 -0.07
CA LEU A 32 -14.77 -0.63 -0.80
C LEU A 32 -14.90 0.81 -0.33
N SER A 33 -14.96 1.75 -1.29
CA SER A 33 -15.22 3.16 -1.00
C SER A 33 -16.28 3.69 -1.96
N TRP A 34 -17.10 4.59 -1.46
CA TRP A 34 -18.14 5.25 -2.24
C TRP A 34 -18.32 6.65 -1.67
N ASN A 35 -19.23 7.40 -2.24
CA ASN A 35 -19.43 8.76 -1.76
C ASN A 35 -20.11 8.69 -0.40
N GLY A 36 -19.31 8.76 0.66
CA GLY A 36 -19.85 8.89 1.99
C GLY A 36 -19.47 7.77 2.94
N GLY A 37 -18.59 6.88 2.52
CA GLY A 37 -18.20 5.79 3.40
C GLY A 37 -17.20 4.87 2.74
N GLN A 38 -16.87 3.81 3.46
CA GLN A 38 -15.92 2.80 3.05
C GLN A 38 -16.13 1.59 3.94
N LEU A 39 -15.56 0.45 3.51
CA LEU A 39 -15.60 -0.76 4.34
C LEU A 39 -14.63 -1.79 3.78
N ILE A 40 -14.18 -2.67 4.66
CA ILE A 40 -13.25 -3.74 4.31
C ILE A 40 -14.06 -5.00 4.03
N SER A 41 -13.72 -5.70 2.94
CA SER A 41 -14.45 -6.88 2.51
C SER A 41 -13.45 -7.87 1.94
N LYS A 42 -13.95 -8.86 1.22
CA LYS A 42 -13.10 -9.94 0.75
C LYS A 42 -13.80 -10.57 -0.46
N LEU A 43 -13.01 -11.06 -1.39
CA LEU A 43 -13.56 -11.76 -2.55
C LEU A 43 -13.86 -13.19 -2.12
N LEU A 44 -15.16 -13.53 -2.07
CA LEU A 44 -15.62 -14.80 -1.57
C LEU A 44 -15.70 -15.83 -2.69
N ALA A 45 -16.06 -15.39 -3.87
CA ALA A 45 -16.16 -16.28 -5.01
C ALA A 45 -16.30 -15.42 -6.24
N ILE A 46 -15.86 -15.96 -7.38
CA ILE A 46 -15.90 -15.21 -8.62
C ILE A 46 -16.16 -16.18 -9.76
N THR A 47 -17.10 -15.83 -10.64
CA THR A 47 -17.30 -16.46 -11.93
C THR A 47 -17.36 -15.37 -12.99
N PRO A 48 -17.28 -15.74 -14.29
CA PRO A 48 -17.39 -14.73 -15.35
C PRO A 48 -18.61 -13.81 -15.19
N ASP A 49 -19.67 -14.29 -14.54
CA ASP A 49 -20.91 -13.54 -14.40
C ASP A 49 -21.16 -12.95 -13.01
N LYS A 50 -20.42 -13.37 -11.98
CA LYS A 50 -20.72 -13.00 -10.58
C LYS A 50 -19.45 -12.59 -9.87
N LEU A 51 -19.51 -11.48 -9.14
CA LEU A 51 -18.57 -11.16 -8.06
C LEU A 51 -19.33 -11.26 -6.75
N VAL A 52 -18.80 -12.03 -5.81
CA VAL A 52 -19.41 -12.18 -4.50
C VAL A 52 -18.41 -11.66 -3.48
N LEU A 53 -18.87 -10.71 -2.66
CA LEU A 53 -18.03 -10.03 -1.70
C LEU A 53 -18.62 -10.25 -0.33
N ASP A 54 -17.74 -10.34 0.67
CA ASP A 54 -18.24 -10.49 2.01
C ASP A 54 -18.97 -9.22 2.43
N PHE A 55 -20.00 -9.41 3.25
CA PHE A 55 -20.63 -8.28 3.94
C PHE A 55 -19.57 -7.57 4.79
N GLY A 56 -19.85 -6.30 5.12
CA GLY A 56 -19.02 -5.60 6.06
C GLY A 56 -19.39 -5.98 7.49
N SER A 57 -18.49 -5.67 8.42
CA SER A 57 -18.74 -5.96 9.82
C SER A 57 -19.90 -5.13 10.37
N GLN A 58 -20.02 -3.88 9.92
CA GLN A 58 -20.96 -2.89 10.49
C GLN A 58 -22.26 -2.84 9.69
N ALA A 59 -23.38 -3.01 10.41
CA ALA A 59 -24.68 -2.89 9.76
C ALA A 59 -24.86 -1.55 9.02
N GLU A 60 -24.31 -0.44 9.57
CA GLU A 60 -24.51 0.86 8.93
C GLU A 60 -23.76 0.97 7.61
N ASP A 61 -22.56 0.38 7.54
CA ASP A 61 -21.85 0.41 6.28
C ASP A 61 -22.55 -0.45 5.24
N ASN A 62 -23.07 -1.59 5.66
CA ASN A 62 -23.77 -2.48 4.74
C ASN A 62 -25.02 -1.79 4.19
N ILE A 63 -25.75 -1.09 5.03
CA ILE A 63 -26.89 -0.31 4.55
C ILE A 63 -26.42 0.78 3.58
N ALA A 64 -25.29 1.43 3.88
CA ALA A 64 -24.90 2.55 3.03
C ALA A 64 -24.25 2.09 1.73
N VAL A 65 -23.56 0.95 1.71
CA VAL A 65 -23.06 0.48 0.40
C VAL A 65 -24.22 0.16 -0.52
N LEU A 66 -25.29 -0.41 0.02
CA LEU A 66 -26.36 -0.96 -0.81
C LEU A 66 -27.09 0.13 -1.59
N LYS A 67 -27.13 1.36 -1.08
CA LYS A 67 -27.76 2.45 -1.80
C LYS A 67 -26.75 3.34 -2.55
N ALA A 68 -25.49 2.95 -2.58
CA ALA A 68 -24.48 3.71 -3.27
C ALA A 68 -24.45 3.38 -4.77
N GLN A 69 -23.96 4.31 -5.58
CA GLN A 69 -23.62 3.99 -6.96
C GLN A 69 -22.14 4.28 -7.20
N HIS A 70 -21.53 3.61 -8.19
CA HIS A 70 -20.09 3.83 -8.51
C HIS A 70 -19.12 3.57 -7.35
N ILE A 71 -19.00 2.30 -6.96
CA ILE A 71 -18.22 1.89 -5.80
C ILE A 71 -16.81 1.51 -6.25
N THR A 72 -15.80 2.17 -5.69
CA THR A 72 -14.41 1.85 -6.00
C THR A 72 -13.92 0.76 -5.04
N ILE A 73 -13.29 -0.26 -5.61
CA ILE A 73 -12.67 -1.36 -4.86
C ILE A 73 -11.17 -1.34 -5.15
N THR A 74 -10.37 -1.25 -4.10
CA THR A 74 -8.91 -1.35 -4.25
C THR A 74 -8.40 -2.54 -3.44
N ALA A 75 -7.32 -3.18 -3.92
CA ALA A 75 -6.67 -4.21 -3.14
C ALA A 75 -5.16 -4.08 -3.28
N GLU A 76 -4.47 -4.39 -2.23
CA GLU A 76 -3.02 -4.27 -2.15
C GLU A 76 -2.42 -5.67 -2.18
N THR A 77 -1.78 -6.05 -3.27
CA THR A 77 -1.08 -7.34 -3.32
C THR A 77 0.40 -7.08 -3.47
N GLN A 78 1.17 -8.16 -3.40
CA GLN A 78 2.61 -8.13 -3.61
C GLN A 78 2.96 -7.67 -5.01
N GLY A 79 3.63 -6.52 -5.12
CA GLY A 79 4.04 -6.02 -6.43
C GLY A 79 2.95 -5.27 -7.17
N ALA A 80 1.75 -5.13 -6.61
CA ALA A 80 0.80 -4.32 -7.36
C ALA A 80 -0.28 -3.74 -6.44
N LYS A 81 -0.88 -2.68 -6.93
CA LYS A 81 -2.15 -2.18 -6.45
C LYS A 81 -3.23 -2.50 -7.50
N VAL A 82 -4.35 -3.07 -7.04
CA VAL A 82 -5.48 -3.34 -7.92
C VAL A 82 -6.57 -2.32 -7.65
N GLU A 83 -7.26 -1.92 -8.69
CA GLU A 83 -8.34 -0.98 -8.45
C GLU A 83 -9.34 -1.14 -9.58
N PHE A 84 -10.62 -1.21 -9.24
CA PHE A 84 -11.68 -1.14 -10.25
C PHE A 84 -12.93 -0.60 -9.60
N THR A 85 -13.94 -0.38 -10.43
CA THR A 85 -15.19 0.24 -10.06
C THR A 85 -16.35 -0.65 -10.48
N VAL A 86 -17.41 -0.68 -9.67
CA VAL A 86 -18.66 -1.33 -10.06
C VAL A 86 -19.80 -0.37 -9.81
N GLU A 87 -20.88 -0.53 -10.58
CA GLU A 87 -21.92 0.48 -10.55
C GLU A 87 -22.75 0.38 -9.27
N GLN A 88 -22.93 -0.84 -8.76
CA GLN A 88 -23.81 -1.08 -7.61
C GLN A 88 -23.57 -2.47 -7.04
N LEU A 89 -23.87 -2.62 -5.75
CA LEU A 89 -23.83 -3.89 -5.06
C LEU A 89 -25.24 -4.23 -4.59
N GLN A 90 -25.64 -5.50 -4.71
CA GLN A 90 -26.94 -5.97 -4.24
C GLN A 90 -26.74 -7.13 -3.28
N GLN A 91 -27.65 -7.24 -2.32
CA GLN A 91 -27.45 -8.23 -1.27
C GLN A 91 -27.70 -9.62 -1.80
N SER A 92 -26.97 -10.59 -1.26
CA SER A 92 -27.18 -11.96 -1.65
C SER A 92 -26.88 -12.82 -0.43
N GLU A 93 -26.65 -14.09 -0.66
CA GLU A 93 -26.18 -15.00 0.37
C GLU A 93 -25.13 -15.91 -0.24
N TYR A 94 -24.11 -16.22 0.53
CA TYR A 94 -23.09 -17.16 0.12
C TYR A 94 -22.84 -18.11 1.28
N LEU A 95 -22.94 -19.41 1.02
CA LEU A 95 -22.72 -20.40 2.08
C LEU A 95 -23.55 -20.07 3.31
N GLN A 96 -24.76 -19.55 3.08
CA GLN A 96 -25.83 -19.32 4.06
C GLN A 96 -25.72 -18.02 4.86
N LEU A 97 -24.73 -17.18 4.57
CA LEU A 97 -24.48 -15.93 5.25
C LEU A 97 -24.53 -14.77 4.26
N PRO A 98 -24.81 -13.57 4.74
CA PRO A 98 -24.93 -12.42 3.82
C PRO A 98 -23.64 -12.14 3.05
N ALA A 99 -23.84 -11.53 1.88
CA ALA A 99 -22.80 -11.24 0.90
C ALA A 99 -23.36 -10.22 -0.08
N PHE A 100 -22.46 -9.48 -0.72
CA PHE A 100 -22.79 -8.60 -1.84
C PHE A 100 -22.47 -9.31 -3.15
N ILE A 101 -23.31 -9.10 -4.15
CA ILE A 101 -23.08 -9.63 -5.48
C ILE A 101 -23.02 -8.49 -6.50
N THR A 102 -22.21 -8.66 -7.53
CA THR A 102 -22.21 -7.71 -8.63
C THR A 102 -21.65 -8.36 -9.88
N VAL A 103 -22.00 -7.78 -11.03
CA VAL A 103 -21.32 -8.08 -12.28
C VAL A 103 -19.85 -7.69 -12.14
N PRO A 104 -18.90 -8.44 -12.67
CA PRO A 104 -17.50 -8.01 -12.60
C PRO A 104 -17.30 -6.74 -13.42
N PRO A 105 -16.25 -5.97 -13.12
CA PRO A 105 -15.95 -4.81 -13.93
C PRO A 105 -15.47 -5.24 -15.31
N PRO A 106 -15.83 -4.52 -16.35
CA PRO A 106 -15.26 -4.82 -17.68
C PRO A 106 -13.76 -4.46 -17.79
N THR A 107 -13.21 -3.67 -16.87
CA THR A 107 -11.79 -3.28 -16.88
C THR A 107 -11.31 -3.11 -15.44
N LEU A 108 -10.01 -3.21 -15.25
CA LEU A 108 -9.38 -3.03 -13.95
C LEU A 108 -7.95 -2.51 -14.07
N TRP A 109 -7.50 -1.77 -13.05
CA TRP A 109 -6.15 -1.25 -12.99
C TRP A 109 -5.30 -2.24 -12.19
N PHE A 110 -4.15 -2.58 -12.75
CA PHE A 110 -3.20 -3.46 -12.08
C PHE A 110 -1.93 -2.61 -12.02
N VAL A 111 -1.75 -1.86 -10.93
CA VAL A 111 -0.81 -0.75 -10.90
C VAL A 111 0.55 -1.20 -10.37
N GLN A 112 1.59 -1.04 -11.16
CA GLN A 112 2.94 -1.48 -10.81
C GLN A 112 3.94 -0.37 -11.13
N ARG A 113 4.07 0.64 -10.26
CA ARG A 113 4.86 1.79 -10.65
C ARG A 113 6.26 1.78 -10.07
N ARG A 114 6.61 0.83 -9.19
CA ARG A 114 7.83 0.96 -8.39
C ARG A 114 9.03 0.38 -9.15
N ARG A 115 10.03 1.21 -9.38
CA ARG A 115 11.25 0.76 -10.07
C ARG A 115 12.15 -0.01 -9.15
N TYR A 116 12.07 0.29 -7.84
CA TYR A 116 13.05 -0.23 -6.91
C TYR A 116 12.37 -1.13 -5.89
N PHE A 117 13.12 -2.10 -5.44
CA PHE A 117 12.67 -3.01 -4.41
C PHE A 117 12.66 -2.29 -3.06
N ARG A 118 11.61 -2.58 -2.26
CA ARG A 118 11.45 -2.01 -0.93
C ARG A 118 11.57 -3.10 0.11
N ILE A 119 12.41 -2.87 1.10
CA ILE A 119 12.57 -3.82 2.18
C ILE A 119 12.05 -3.16 3.45
N SER A 120 11.40 -3.97 4.29
CA SER A 120 10.82 -3.50 5.55
C SER A 120 11.92 -3.37 6.57
N ALA A 121 11.83 -2.34 7.36
CA ALA A 121 12.73 -2.24 8.48
C ALA A 121 12.29 -3.19 9.59
N PRO A 122 13.22 -3.67 10.40
CA PRO A 122 12.93 -4.49 11.59
C PRO A 122 11.84 -3.91 12.48
N PRO A 125 12.99 -4.64 15.79
CA PRO A 125 13.96 -3.81 16.53
C PRO A 125 14.22 -2.48 15.81
N PRO A 126 13.67 -1.36 16.32
CA PRO A 126 13.39 -0.20 15.46
C PRO A 126 14.57 0.74 15.20
N TYR A 127 14.52 1.38 14.01
CA TYR A 127 15.53 2.35 13.57
C TYR A 127 14.99 3.77 13.68
N PHE A 128 15.82 4.68 14.20
CA PHE A 128 15.45 6.06 14.51
C PHE A 128 15.91 7.03 13.42
N CYS A 129 15.17 8.14 13.29
CA CYS A 129 15.49 9.20 12.35
C CYS A 129 15.07 10.53 12.96
N GLN A 130 15.66 11.62 12.48
CA GLN A 130 15.40 12.92 13.07
C GLN A 130 15.84 14.03 12.14
N THR A 131 15.16 15.17 12.25
CA THR A 131 15.45 16.37 11.46
C THR A 131 14.81 17.56 12.15
N LYS A 132 15.40 18.73 11.96
CA LYS A 132 14.79 19.95 12.46
C LYS A 132 13.79 20.49 11.44
N LEU A 133 12.89 21.35 11.93
CA LEU A 133 11.89 22.04 11.12
C LEU A 133 12.22 23.52 11.03
N ALA A 134 11.48 24.21 10.16
CA ALA A 134 11.70 25.64 9.93
C ALA A 134 11.50 26.46 11.20
N ASP A 135 10.86 25.91 12.23
CA ASP A 135 10.71 26.59 13.51
C ASP A 135 11.69 26.07 14.57
N ASN A 136 12.68 25.28 14.16
CA ASN A 136 13.85 24.85 14.93
C ASN A 136 13.53 23.74 15.94
N SER A 137 12.29 23.28 16.03
CA SER A 137 12.01 22.06 16.77
C SER A 137 12.57 20.86 16.01
N THR A 138 12.44 19.67 16.59
CA THR A 138 13.10 18.48 16.06
C THR A 138 12.06 17.39 15.79
N LEU A 139 11.90 17.03 14.52
CA LEU A 139 10.96 15.97 14.14
C LEU A 139 11.69 14.63 14.13
N ARG A 140 11.12 13.64 14.83
CA ARG A 140 11.69 12.32 14.93
C ARG A 140 10.65 11.30 14.48
N PHE A 141 11.12 10.19 13.88
CA PHE A 141 10.22 9.15 13.42
C PHE A 141 10.97 7.83 13.26
N ARG A 142 10.19 6.77 13.11
CA ARG A 142 10.68 5.40 13.03
C ARG A 142 10.66 4.94 11.56
N LEU A 143 11.82 4.52 11.06
CA LEU A 143 11.89 4.02 9.70
C LEU A 143 11.02 2.79 9.55
N TYR A 144 10.23 2.76 8.49
CA TYR A 144 9.30 1.68 8.17
C TYR A 144 9.78 0.80 7.03
N ASP A 145 10.15 1.39 5.88
CA ASP A 145 10.76 0.60 4.82
C ASP A 145 11.74 1.48 4.05
N LEU A 146 12.47 0.85 3.14
CA LEU A 146 13.64 1.46 2.53
C LEU A 146 13.78 0.94 1.12
N SER A 147 14.07 1.84 0.21
CA SER A 147 14.33 1.51 -1.17
C SER A 147 15.47 2.41 -1.63
N LEU A 148 15.98 2.15 -2.82
CA LEU A 148 17.05 2.98 -3.36
C LEU A 148 16.65 4.44 -3.51
N GLY A 149 15.37 4.75 -3.66
CA GLY A 149 14.99 6.11 -3.94
C GLY A 149 14.28 6.82 -2.82
N GLY A 150 14.15 6.18 -1.66
CA GLY A 150 13.38 6.80 -0.61
C GLY A 150 13.09 5.85 0.53
N MET A 151 12.12 6.25 1.34
CA MET A 151 11.96 5.59 2.61
C MET A 151 10.56 5.92 3.11
N GLY A 152 9.97 4.99 3.83
CA GLY A 152 8.74 5.21 4.52
C GLY A 152 9.04 5.29 6.01
N ALA A 153 8.26 6.08 6.73
CA ALA A 153 8.50 6.34 8.14
C ALA A 153 7.18 6.36 8.87
N LEU A 154 7.22 5.94 10.14
CA LEU A 154 6.07 6.02 11.05
C LEU A 154 6.38 6.96 12.21
N LEU A 155 5.40 7.81 12.55
CA LEU A 155 5.50 8.76 13.68
C LEU A 155 5.17 8.13 15.04
N ALA A 161 2.03 16.37 14.99
CA ALA A 161 2.87 17.27 14.22
C ALA A 161 2.17 17.71 12.93
N GLU A 162 2.42 18.96 12.51
CA GLU A 162 1.74 19.58 11.37
C GLU A 162 2.71 19.81 10.20
N LEU A 163 2.56 19.00 9.18
CA LEU A 163 3.42 19.11 8.03
C LEU A 163 2.55 19.08 6.79
N GLN A 164 3.19 19.29 5.65
CA GLN A 164 2.47 19.43 4.41
C GLN A 164 3.24 18.71 3.34
N GLU A 165 2.51 17.95 2.53
CA GLU A 165 3.14 17.35 1.38
C GLU A 165 3.75 18.45 0.53
N GLY A 166 4.84 18.10 -0.16
CA GLY A 166 5.73 19.03 -0.81
C GLY A 166 6.90 19.48 0.05
N MET A 167 6.81 19.35 1.38
CA MET A 167 7.91 19.79 2.24
C MET A 167 9.23 19.15 1.83
N ARG A 168 10.26 19.97 1.64
CA ARG A 168 11.62 19.50 1.37
C ARG A 168 12.46 19.62 2.64
N PHE A 169 13.33 18.65 2.88
CA PHE A 169 14.25 18.68 4.00
C PHE A 169 15.67 18.47 3.49
N ALA A 170 16.66 18.73 4.35
CA ALA A 170 18.05 18.70 3.93
C ALA A 170 18.92 17.70 4.67
N GLN A 171 18.90 17.69 6.02
CA GLN A 171 19.86 16.94 6.84
C GLN A 171 19.10 15.99 7.76
N ILE A 172 18.72 14.83 7.23
CA ILE A 172 17.83 13.90 7.93
C ILE A 172 18.62 12.65 8.33
N GLU A 173 18.74 12.43 9.64
CA GLU A 173 19.58 11.37 10.15
C GLU A 173 18.83 10.06 10.27
N VAL A 174 19.50 8.98 9.86
CA VAL A 174 18.94 7.64 9.90
C VAL A 174 19.94 6.77 10.66
N ASN A 175 19.62 6.47 11.90
CA ASN A 175 20.41 5.57 12.73
C ASN A 175 19.84 4.18 12.55
N MET A 176 20.46 3.37 11.69
CA MET A 176 19.96 2.02 11.50
C MET A 176 20.63 1.02 12.42
N GLY A 177 21.04 1.48 13.59
CA GLY A 177 21.64 0.61 14.59
C GLY A 177 22.85 -0.09 14.04
N GLN A 178 22.90 -1.39 14.27
CA GLN A 178 24.08 -2.22 14.04
C GLN A 178 24.79 -1.87 12.73
N TRP A 179 24.04 -1.43 11.72
CA TRP A 179 24.66 -1.12 10.43
C TRP A 179 25.38 0.23 10.47
N GLY A 180 24.66 1.33 10.68
CA GLY A 180 25.29 2.63 10.78
C GLY A 180 24.32 3.76 10.49
N VAL A 181 24.86 4.98 10.49
CA VAL A 181 24.07 6.21 10.45
C VAL A 181 24.38 7.02 9.19
N PHE A 182 23.32 7.55 8.58
CA PHE A 182 23.39 8.27 7.32
C PHE A 182 22.40 9.44 7.34
N HIS A 183 22.43 10.27 6.30
CA HIS A 183 21.36 11.25 6.07
C HIS A 183 21.10 11.41 4.58
N PHE A 184 20.05 12.17 4.26
CA PHE A 184 19.61 12.40 2.88
C PHE A 184 18.88 13.73 2.75
N ASP A 185 18.97 14.33 1.55
CA ASP A 185 18.05 15.37 1.10
C ASP A 185 16.76 14.68 0.65
N ALA A 186 15.71 14.73 1.46
CA ALA A 186 14.45 14.05 1.15
C ALA A 186 13.28 15.03 1.07
N GLN A 187 12.27 14.68 0.27
CA GLN A 187 11.04 15.47 0.17
C GLN A 187 9.83 14.69 0.67
N LEU A 188 9.08 15.29 1.60
CA LEU A 188 7.88 14.67 2.14
C LEU A 188 6.86 14.60 1.02
N ILE A 189 6.65 13.43 0.45
CA ILE A 189 5.78 13.37 -0.72
C ILE A 189 4.38 12.87 -0.39
N SER A 190 4.20 12.18 0.72
CA SER A 190 2.86 11.71 1.03
C SER A 190 2.70 11.58 2.53
N ILE A 191 1.57 12.04 3.04
CA ILE A 191 1.19 11.83 4.43
C ILE A 191 -0.08 11.00 4.41
N SER A 192 -0.06 9.86 5.08
CA SER A 192 -1.17 8.93 5.07
C SER A 192 -1.23 8.26 6.44
N GLU A 193 -2.05 7.23 6.56
CA GLU A 193 -2.30 6.61 7.85
C GLU A 193 -2.19 5.09 7.75
N ARG A 194 -1.74 4.48 8.84
CA ARG A 194 -1.44 3.04 8.88
C ARG A 194 -2.21 2.28 9.98
N ILE A 204 -5.26 -0.20 14.29
CA ILE A 204 -4.07 0.54 13.87
C ILE A 204 -4.44 1.95 13.36
N THR A 205 -4.33 2.96 14.22
CA THR A 205 -4.40 4.36 13.80
C THR A 205 -3.05 5.03 14.09
N THR A 206 -2.08 4.86 13.18
CA THR A 206 -0.74 5.45 13.32
C THR A 206 -0.30 6.12 12.03
N PRO A 207 0.17 7.37 12.06
CA PRO A 207 0.46 8.10 10.80
C PRO A 207 1.79 7.74 10.13
N ARG A 208 1.77 7.84 8.79
CA ARG A 208 2.83 7.34 7.93
C ARG A 208 3.30 8.42 6.95
N LEU A 209 4.63 8.57 6.84
CA LEU A 209 5.27 9.49 5.91
C LEU A 209 5.97 8.72 4.78
N SER A 210 6.02 9.35 3.62
CA SER A 210 6.70 8.80 2.46
C SER A 210 7.68 9.85 1.96
N PHE A 211 8.97 9.47 1.86
CA PHE A 211 10.03 10.38 1.45
C PHE A 211 10.66 9.85 0.18
N ARG A 212 10.84 10.74 -0.78
CA ARG A 212 11.74 10.46 -1.89
C ARG A 212 13.03 11.20 -1.64
N PHE A 213 14.17 10.52 -1.83
CA PHE A 213 15.48 11.17 -1.63
C PHE A 213 15.80 12.12 -2.77
N LEU A 214 16.36 13.27 -2.42
CA LEU A 214 16.91 14.22 -3.36
C LEU A 214 18.43 14.24 -3.25
N ASN A 215 19.10 14.59 -4.34
CA ASN A 215 20.56 14.77 -4.40
C ASN A 215 21.31 13.59 -3.77
N VAL A 216 21.06 12.41 -4.30
CA VAL A 216 21.70 11.17 -3.87
C VAL A 216 22.88 10.92 -4.79
N SER A 217 24.11 11.11 -4.31
CA SER A 217 25.29 10.90 -5.17
C SER A 217 25.45 9.42 -5.50
N PRO A 218 26.25 9.09 -6.53
CA PRO A 218 26.48 7.66 -6.84
C PRO A 218 27.15 6.91 -5.69
N THR A 219 28.04 7.56 -4.94
CA THR A 219 28.58 6.93 -3.76
C THR A 219 27.46 6.49 -2.82
N VAL A 220 26.53 7.39 -2.51
CA VAL A 220 25.47 7.02 -1.57
C VAL A 220 24.57 5.94 -2.16
N GLU A 221 24.31 6.00 -3.47
CA GLU A 221 23.48 4.98 -4.11
C GLU A 221 24.03 3.57 -3.82
N ARG A 222 25.34 3.41 -3.93
CA ARG A 222 25.99 2.11 -3.68
C ARG A 222 25.88 1.69 -2.22
N GLN A 223 26.03 2.65 -1.30
CA GLN A 223 25.76 2.44 0.12
C GLN A 223 24.34 1.92 0.33
N LEU A 224 23.35 2.58 -0.27
CA LEU A 224 21.96 2.16 -0.08
C LEU A 224 21.74 0.78 -0.67
N GLN A 225 22.23 0.57 -1.89
CA GLN A 225 22.23 -0.77 -2.49
C GLN A 225 22.76 -1.82 -1.53
N ARG A 226 23.93 -1.54 -0.91
CA ARG A 226 24.58 -2.56 -0.08
C ARG A 226 23.77 -2.87 1.17
N ILE A 227 23.25 -1.84 1.83
CA ILE A 227 22.48 -2.04 3.05
C ILE A 227 21.20 -2.82 2.72
N ILE A 228 20.52 -2.42 1.67
CA ILE A 228 19.32 -3.11 1.23
C ILE A 228 19.64 -4.58 0.92
N PHE A 229 20.73 -4.80 0.20
CA PHE A 229 21.20 -6.17 -0.04
C PHE A 229 21.35 -6.95 1.26
N SER A 230 22.09 -6.38 2.22
CA SER A 230 22.48 -7.17 3.38
C SER A 230 21.29 -7.47 4.25
N LEU A 231 20.33 -6.54 4.30
CA LEU A 231 19.12 -6.78 5.07
C LEU A 231 18.32 -7.88 4.42
N GLU A 232 18.24 -7.87 3.09
CA GLU A 232 17.54 -8.93 2.39
C GLU A 232 18.21 -10.28 2.65
N ARG A 233 19.54 -10.34 2.46
CA ARG A 233 20.30 -11.57 2.64
C ARG A 233 20.16 -12.10 4.07
N GLU A 234 20.19 -11.19 5.05
CA GLU A 234 20.03 -11.58 6.44
C GLU A 234 18.66 -12.22 6.67
N ALA A 235 17.60 -11.63 6.12
CA ALA A 235 16.29 -12.26 6.28
C ALA A 235 16.32 -13.66 5.66
N ARG A 236 16.91 -13.77 4.47
CA ARG A 236 17.05 -15.07 3.84
C ARG A 236 17.82 -16.06 4.70
N GLU A 237 18.97 -15.63 5.26
CA GLU A 237 19.78 -16.54 6.06
C GLU A 237 19.01 -17.03 7.29
N LYS A 238 18.36 -16.11 8.00
CA LYS A 238 17.62 -16.47 9.21
C LYS A 238 16.46 -17.41 8.89
N ALA A 239 15.73 -17.16 7.79
CA ALA A 239 14.56 -17.97 7.45
C ALA A 239 14.96 -19.34 6.93
N ASP A 240 16.08 -19.44 6.23
CA ASP A 240 16.69 -20.74 6.02
C ASP A 240 16.89 -21.45 7.36
N LYS A 241 17.50 -20.76 8.33
CA LYS A 241 17.72 -21.29 9.69
C LYS A 241 16.41 -21.72 10.33
N VAL A 242 15.26 -21.33 9.77
CA VAL A 242 13.99 -21.88 10.24
C VAL A 242 13.92 -23.25 9.58
N ARG A 243 14.61 -24.20 10.21
CA ARG A 243 14.83 -25.54 9.69
C ARG A 243 15.78 -26.33 10.61
S SO4 B . 8.24 -3.63 -4.20
O1 SO4 B . 7.28 -4.53 -4.93
O2 SO4 B . 9.30 -4.38 -3.42
O3 SO4 B . 7.48 -2.66 -3.34
O4 SO4 B . 8.97 -2.94 -5.30
P1 C2E C . 9.33 4.21 -7.11
O2P C2E C . 9.21 3.08 -5.97
O1P C2E C . 10.03 3.67 -8.28
O5' C2E C . 7.87 4.77 -7.42
C5' C2E C . 7.79 5.51 -8.62
C4' C2E C . 6.59 6.46 -8.64
O4' C2E C . 5.37 5.73 -8.60
C3' C2E C . 6.55 7.36 -7.39
O3' C2E C . 7.23 8.59 -7.60
C2' C2E C . 5.06 7.63 -7.23
O2' C2E C . 4.67 8.57 -8.21
C1' C2E C . 4.44 6.29 -7.67
N9 C2E C . 4.18 5.36 -6.58
C8 C2E C . 4.93 4.26 -6.27
N7 C2E C . 4.40 3.65 -5.25
C5 C2E C . 3.28 4.34 -4.84
C6 C2E C . 2.31 4.19 -3.83
O6 C2E C . 2.28 3.28 -3.01
N1 C2E C . 1.33 5.10 -3.76
C2 C2E C . 1.30 6.14 -4.61
N2 C2E C . 0.29 7.02 -4.43
N3 C2E C . 2.17 6.32 -5.55
C4 C2E C . 3.15 5.44 -5.70
P11 C2E C . 7.66 9.51 -6.32
O21 C2E C . 6.37 9.62 -5.40
O11 C2E C . 8.22 10.77 -6.86
O5A C2E C . 8.75 8.69 -5.45
C5A C2E C . 10.02 8.45 -6.03
C4A C2E C . 10.72 7.37 -5.20
O4A C2E C . 10.60 7.67 -3.81
C3A C2E C . 9.99 6.01 -5.29
O3A C2E C . 10.25 5.41 -6.56
C2A C2E C . 10.64 5.25 -4.15
O2A C2E C . 11.88 4.75 -4.60
C1A C2E C . 10.84 6.42 -3.14
N91 C2E C . 9.80 6.38 -2.16
C81 C2E C . 8.72 7.23 -2.11
N71 C2E C . 7.95 6.90 -1.09
C51 C2E C . 8.56 5.85 -0.45
C61 C2E C . 8.20 5.11 0.63
O61 C2E C . 7.17 5.34 1.26
N11 C2E C . 9.00 4.10 0.94
C21 C2E C . 10.12 3.84 0.25
N21 C2E C . 10.91 2.79 0.66
N31 C2E C . 10.47 4.52 -0.78
C41 C2E C . 9.71 5.51 -1.14
H5'1 C2E C . 7.71 4.90 -9.37
H5'2 C2E C . 8.59 6.03 -8.73
H4' C2E C . 6.63 7.01 -9.43
H3' C2E C . 6.89 6.90 -6.61
H2' C2E C . 4.80 7.89 -6.33
HO2' C2E C . 4.85 8.33 -9.00
H1' C2E C . 3.61 6.46 -8.13
H8 C2E C . 5.68 3.97 -6.73
HN1 C2E C . 0.75 5.04 -3.14
HN21 C2E C . 0.21 7.69 -4.97
HN22 C2E C . -0.29 6.90 -3.81
H511 C2E C . 9.92 8.13 -6.94
H512 C2E C . 10.55 9.25 -6.03
H4A C2E C . 11.65 7.28 -5.45
H3A C2E C . 9.04 6.11 -5.14
H2A C2E C . 10.06 4.55 -3.79
HO2A C2E C . 12.42 5.36 -4.83
H1A C2E C . 11.72 6.40 -2.72
H81 C2E C . 8.56 7.94 -2.69
HN11 C2E C . 8.82 3.63 1.64
HN24 C2E C . 11.63 2.60 0.23
HN23 C2E C . 10.69 2.33 1.35
P1 C2E D . 2.13 1.27 1.10
O2P C2E D . 3.38 0.67 0.30
O1P C2E D . 2.24 0.94 2.55
O5' C2E D . 2.04 2.85 0.86
C5' C2E D . 1.11 3.56 1.74
C4' C2E D . 0.93 4.99 1.33
O4' C2E D . 2.20 5.63 1.33
C3' C2E D . 0.45 5.06 -0.11
O3' C2E D . -0.96 4.98 -0.18
C2' C2E D . 0.90 6.46 -0.48
O2' C2E D . 0.09 7.47 0.09
C1' C2E D . 2.24 6.52 0.23
N9 C2E D . 3.31 6.07 -0.67
C8 C2E D . 4.02 4.92 -0.61
N7 C2E D . 4.92 4.93 -1.56
C5 C2E D . 4.80 6.08 -2.25
C6 C2E D . 5.47 6.61 -3.36
O6 C2E D . 6.38 6.01 -3.89
N1 C2E D . 5.10 7.83 -3.78
C2 C2E D . 4.08 8.49 -3.17
N2 C2E D . 3.68 9.71 -3.66
N3 C2E D . 3.44 7.98 -2.16
C4 C2E D . 3.78 6.81 -1.68
P11 C2E D . -1.73 4.58 -1.51
O21 C2E D . -1.17 5.36 -2.80
O11 C2E D . -3.18 4.59 -1.30
O5A C2E D . -1.34 3.05 -1.70
C5A C2E D . -1.84 2.11 -0.78
C4A C2E D . -1.14 0.75 -0.93
O4A C2E D . -1.28 0.21 -2.24
C3A C2E D . 0.35 0.90 -0.75
O3A C2E D . 0.71 0.74 0.62
C2A C2E D . 0.88 -0.32 -1.54
O2A C2E D . 0.52 -1.56 -0.95
C1A C2E D . -0.04 -0.32 -2.72
N91 C2E D . 0.45 0.35 -3.93
C81 C2E D . 0.04 1.51 -4.50
N71 C2E D . 0.66 1.70 -5.59
C51 C2E D . 1.54 0.69 -5.80
C61 C2E D . 2.45 0.39 -6.82
O61 C2E D . 2.53 1.17 -7.75
N11 C2E D . 3.21 -0.74 -6.71
C21 C2E D . 3.02 -1.58 -5.63
N21 C2E D . 3.76 -2.74 -5.58
N31 C2E D . 2.12 -1.33 -4.68
C41 C2E D . 1.41 -0.20 -4.74
H5'1 C2E D . 1.44 3.53 2.64
H5'2 C2E D . 0.25 3.11 1.71
H4' C2E D . 0.31 5.45 1.92
H3' C2E D . 0.88 4.39 -0.66
H2' C2E D . 0.99 6.57 -1.44
HO2' C2E D . -0.72 7.46 -0.18
H1' C2E D . 2.42 7.41 0.53
H8 C2E D . 3.91 4.24 0.01
HN1 C2E D . 5.48 8.17 -4.47
HN21 C2E D . 4.09 10.06 -4.33
HN22 C2E D . 3.06 10.14 -3.27
H511 C2E D . -2.80 2.00 -0.94
H512 C2E D . -1.71 2.44 0.12
H4A C2E D . -1.49 0.12 -0.28
H3A C2E D . 0.68 1.74 -1.12
H2A C2E D . 1.82 -0.25 -1.79
HO2A C2E D . 1.13 -1.92 -0.50
H1A C2E D . -0.20 -1.25 -2.96
H81 C2E D . -0.63 2.06 -4.15
HN11 C2E D . 3.76 -0.94 -7.32
HN24 C2E D . 3.67 -3.28 -4.91
HN23 C2E D . 4.34 -2.92 -6.19
#